data_6YI8
#
_entry.id   6YI8
#
_cell.length_a   183.707
_cell.length_b   67.198
_cell.length_c   53.114
_cell.angle_alpha   90.000
_cell.angle_beta   90.000
_cell.angle_gamma   90.000
#
_symmetry.space_group_name_H-M   'P 21 21 21'
#
loop_
_entity.id
_entity.type
_entity.pdbx_description
1 polymer 'Fibroblast growth factor receptor 4'
2 non-polymer N-[5-cyano-4-(2-methoxyethylamino)pyridin-2-yl]-7-methanoyl-6-[(4-methyl-2-oxidanylidene-piperazin-1-yl)methyl]-3,4-dihydro-2H-1,8-naphthyridine-1-carboxamide
3 non-polymer 'SULFATE ION'
4 water water
#
_entity_poly.entity_id   1
_entity_poly.type   'polypeptide(L)'
_entity_poly.pdbx_seq_one_letter_code
;AGLVSLDLPLDPLWEFPRDRLVLGKPLGEGCFGQVVRAEAFGMDPARPDQASTVAVKMLKDNASDKDLADLVSEMEVMKL
IGRHKNIINLLGVCTQEGPLYVIVECAAKGNLREFLRARRPPGPDLSPDGPRSSEGPLSFPVLVSCAYQVARGMQYLESR
KCIHRDLAARNVLVTEDNVMKIADFGLARGVHHIDYYKKTSNGRLPVKWMAPEALFDRVYTHQSDVWSFGILLWEIFTLG
GSPYPGIPVEELFSLLREGHRMDRPPHCPPELYGLMRECWHAAPSQRPTFKQLVEALDKVLLAVSEE
;
_entity_poly.pdbx_strand_id   A,B
#
loop_
_chem_comp.id
_chem_comp.type
_chem_comp.name
_chem_comp.formula
FGF non-polymer N-[5-cyano-4-(2-methoxyethylamino)pyridin-2-yl]-7-methanoyl-6-[(4-methyl-2-oxidanylidene-piperazin-1-yl)methyl]-3,4-dihydro-2H-1,8-naphthyridine-1-carboxamide 'C25 H30 N8 O4'
SO4 non-polymer 'SULFATE ION' 'O4 S -2'
#
# COMPACT_ATOMS: atom_id res chain seq x y z
N ASP A 7 2.13 -8.68 -25.78
CA ASP A 7 0.99 -9.58 -25.59
C ASP A 7 0.53 -9.66 -24.12
N LEU A 8 -0.62 -10.35 -23.86
CA LEU A 8 -1.19 -10.49 -22.51
C LEU A 8 -1.46 -11.96 -22.16
N PRO A 9 -1.10 -12.43 -20.93
CA PRO A 9 -1.36 -13.84 -20.58
C PRO A 9 -2.84 -14.16 -20.51
N LEU A 10 -3.19 -15.41 -20.84
CA LEU A 10 -4.55 -15.91 -20.82
C LEU A 10 -4.92 -16.32 -19.39
N ASP A 11 -5.97 -15.69 -18.84
CA ASP A 11 -6.45 -15.99 -17.49
C ASP A 11 -7.71 -16.88 -17.60
N PRO A 12 -7.58 -18.17 -17.24
CA PRO A 12 -8.74 -19.09 -17.33
C PRO A 12 -9.95 -18.67 -16.47
N LEU A 13 -9.69 -17.95 -15.39
CA LEU A 13 -10.74 -17.44 -14.51
C LEU A 13 -11.54 -16.27 -15.13
N TRP A 14 -10.97 -15.50 -16.08
CA TRP A 14 -11.62 -14.29 -16.63
C TRP A 14 -11.78 -14.16 -18.14
N GLU A 15 -11.02 -14.90 -18.93
CA GLU A 15 -11.13 -14.81 -20.38
C GLU A 15 -12.52 -15.19 -20.87
N PHE A 16 -13.13 -14.28 -21.62
CA PHE A 16 -14.48 -14.37 -22.21
C PHE A 16 -14.33 -14.40 -23.75
N PRO A 17 -15.15 -15.17 -24.51
CA PRO A 17 -14.97 -15.21 -25.97
C PRO A 17 -15.34 -13.92 -26.67
N ARG A 18 -14.41 -13.39 -27.47
CA ARG A 18 -14.54 -12.14 -28.23
C ARG A 18 -15.77 -12.14 -29.13
N ASP A 19 -16.14 -13.32 -29.67
CA ASP A 19 -17.31 -13.51 -30.54
C ASP A 19 -18.64 -13.42 -29.77
N ARG A 20 -18.60 -13.50 -28.44
CA ARG A 20 -19.82 -13.43 -27.62
C ARG A 20 -20.05 -12.01 -27.07
N LEU A 21 -19.28 -11.03 -27.57
CA LEU A 21 -19.35 -9.62 -27.17
C LEU A 21 -19.67 -8.71 -28.36
N VAL A 22 -20.76 -7.95 -28.28
CA VAL A 22 -21.10 -7.01 -29.36
C VAL A 22 -21.07 -5.59 -28.81
N LEU A 23 -20.11 -4.79 -29.28
CA LEU A 23 -19.92 -3.40 -28.86
C LEU A 23 -21.02 -2.50 -29.40
N GLY A 24 -21.45 -1.57 -28.58
CA GLY A 24 -22.48 -0.59 -28.91
C GLY A 24 -21.95 0.82 -28.79
N LYS A 25 -22.88 1.78 -28.64
CA LYS A 25 -22.59 3.21 -28.55
C LYS A 25 -21.69 3.57 -27.36
N PRO A 26 -20.76 4.55 -27.52
CA PRO A 26 -19.91 4.94 -26.39
C PRO A 26 -20.67 5.61 -25.25
N LEU A 27 -20.26 5.34 -24.03
CA LEU A 27 -20.88 5.88 -22.82
C LEU A 27 -20.18 7.13 -22.36
N GLY A 28 -18.89 7.19 -22.65
CA GLY A 28 -18.03 8.31 -22.29
C GLY A 28 -16.60 8.11 -22.73
N GLU A 29 -15.97 9.18 -23.20
CA GLU A 29 -14.59 9.18 -23.67
C GLU A 29 -13.74 10.02 -22.73
N GLY A 30 -12.64 9.44 -22.30
CA GLY A 30 -11.62 10.10 -21.48
C GLY A 30 -10.51 10.57 -22.39
N CYS A 31 -9.31 10.82 -21.85
CA CYS A 31 -8.19 11.27 -22.68
C CYS A 31 -7.71 10.18 -23.63
N PHE A 32 -7.40 8.98 -23.10
CA PHE A 32 -6.90 7.85 -23.90
C PHE A 32 -7.72 6.57 -23.74
N GLY A 33 -8.69 6.61 -22.83
CA GLY A 33 -9.58 5.49 -22.58
C GLY A 33 -11.05 5.84 -22.80
N GLN A 34 -11.88 4.82 -22.96
CA GLN A 34 -13.31 5.01 -23.13
C GLN A 34 -14.10 3.83 -22.55
N VAL A 35 -15.38 4.06 -22.23
CA VAL A 35 -16.32 3.08 -21.69
C VAL A 35 -17.44 3.05 -22.72
N VAL A 36 -17.81 1.84 -23.18
CA VAL A 36 -18.87 1.70 -24.19
C VAL A 36 -19.94 0.70 -23.75
N ARG A 37 -21.16 0.83 -24.29
CA ARG A 37 -22.25 -0.13 -24.09
C ARG A 37 -21.85 -1.39 -24.84
N ALA A 38 -22.37 -2.56 -24.39
CA ALA A 38 -22.13 -3.83 -25.06
C ALA A 38 -23.13 -4.88 -24.62
N GLU A 39 -23.32 -5.90 -25.47
CA GLU A 39 -24.16 -7.06 -25.19
C GLU A 39 -23.26 -8.27 -25.10
N ALA A 40 -23.44 -9.05 -24.06
CA ALA A 40 -22.64 -10.25 -23.86
C ALA A 40 -23.55 -11.46 -23.87
N PHE A 41 -23.11 -12.52 -24.53
CA PHE A 41 -23.89 -13.76 -24.64
C PHE A 41 -23.20 -14.85 -23.86
N GLY A 42 -23.89 -15.35 -22.85
CA GLY A 42 -23.36 -16.42 -22.01
C GLY A 42 -22.47 -15.97 -20.88
N MET A 43 -22.56 -14.68 -20.49
CA MET A 43 -21.79 -14.09 -19.38
C MET A 43 -22.04 -14.89 -18.09
N ASP A 44 -23.28 -15.38 -17.89
CA ASP A 44 -23.64 -16.27 -16.79
C ASP A 44 -23.56 -17.71 -17.36
N PRO A 45 -22.61 -18.56 -16.91
CA PRO A 45 -22.50 -19.92 -17.49
C PRO A 45 -23.72 -20.83 -17.29
N ALA A 46 -24.60 -20.53 -16.31
CA ALA A 46 -25.85 -21.28 -16.03
C ALA A 46 -26.83 -21.16 -17.21
N ARG A 47 -26.89 -19.98 -17.88
CA ARG A 47 -27.70 -19.72 -19.08
C ARG A 47 -26.76 -19.23 -20.23
N PRO A 48 -26.01 -20.18 -20.88
CA PRO A 48 -25.00 -19.79 -21.89
C PRO A 48 -25.46 -19.14 -23.20
N ASP A 49 -26.76 -18.93 -23.39
CA ASP A 49 -27.24 -18.30 -24.62
C ASP A 49 -27.90 -16.95 -24.33
N GLN A 50 -28.12 -16.67 -23.04
CA GLN A 50 -28.73 -15.44 -22.55
C GLN A 50 -27.88 -14.19 -22.82
N ALA A 51 -28.52 -13.14 -23.34
CA ALA A 51 -27.89 -11.84 -23.60
C ALA A 51 -27.95 -11.03 -22.33
N SER A 52 -26.92 -10.26 -22.05
CA SER A 52 -26.92 -9.38 -20.87
C SER A 52 -26.28 -8.07 -21.28
N THR A 53 -26.74 -6.98 -20.72
CA THR A 53 -26.19 -5.69 -21.05
C THR A 53 -25.01 -5.43 -20.13
N VAL A 54 -23.87 -5.06 -20.72
CA VAL A 54 -22.64 -4.80 -19.96
C VAL A 54 -22.01 -3.46 -20.36
N ALA A 55 -20.84 -3.16 -19.80
CA ALA A 55 -20.06 -1.99 -20.17
C ALA A 55 -18.67 -2.50 -20.52
N VAL A 56 -17.97 -1.83 -21.45
CA VAL A 56 -16.64 -2.26 -21.83
C VAL A 56 -15.68 -1.10 -21.75
N LYS A 57 -14.61 -1.26 -20.94
CA LYS A 57 -13.52 -0.31 -20.81
C LYS A 57 -12.48 -0.76 -21.87
N MET A 58 -12.01 0.17 -22.67
CA MET A 58 -11.05 -0.10 -23.75
C MET A 58 -10.20 1.14 -24.01
N LEU A 59 -9.19 1.01 -24.84
CA LEU A 59 -8.37 2.16 -25.19
C LEU A 59 -8.97 2.87 -26.39
N LYS A 60 -8.66 4.15 -26.54
CA LYS A 60 -9.04 4.94 -27.71
C LYS A 60 -7.92 4.71 -28.75
N ASP A 61 -8.09 5.18 -30.01
CA ASP A 61 -7.07 5.01 -31.06
C ASP A 61 -5.75 5.77 -30.78
N ASN A 62 -5.83 6.92 -30.08
CA ASN A 62 -4.70 7.78 -29.72
C ASN A 62 -3.83 7.29 -28.53
N ALA A 63 -4.17 6.13 -27.96
CA ALA A 63 -3.50 5.56 -26.79
C ALA A 63 -2.13 4.95 -27.08
N SER A 64 -1.25 4.99 -26.06
CA SER A 64 0.10 4.44 -26.09
C SER A 64 0.22 3.23 -25.15
N ASP A 65 1.43 2.62 -25.07
CA ASP A 65 1.74 1.46 -24.22
C ASP A 65 1.66 1.76 -22.72
N LYS A 66 1.77 3.05 -22.35
CA LYS A 66 1.63 3.53 -20.96
C LYS A 66 0.13 3.40 -20.61
N ASP A 67 -0.76 3.80 -21.55
CA ASP A 67 -2.22 3.71 -21.41
C ASP A 67 -2.68 2.26 -21.34
N LEU A 68 -2.03 1.37 -22.12
CA LEU A 68 -2.32 -0.07 -22.12
C LEU A 68 -1.96 -0.68 -20.78
N ALA A 69 -0.82 -0.27 -20.19
CA ALA A 69 -0.34 -0.75 -18.90
C ALA A 69 -1.27 -0.29 -17.78
N ASP A 70 -1.81 0.93 -17.92
CA ASP A 70 -2.78 1.51 -16.98
C ASP A 70 -4.12 0.75 -17.02
N LEU A 71 -4.60 0.38 -18.24
CA LEU A 71 -5.83 -0.40 -18.38
C LEU A 71 -5.61 -1.82 -17.83
N VAL A 72 -4.46 -2.45 -18.15
CA VAL A 72 -4.08 -3.78 -17.64
C VAL A 72 -4.03 -3.75 -16.11
N SER A 73 -3.45 -2.67 -15.54
CA SER A 73 -3.34 -2.47 -14.09
C SER A 73 -4.71 -2.41 -13.42
N GLU A 74 -5.67 -1.67 -14.02
CA GLU A 74 -7.03 -1.56 -13.50
C GLU A 74 -7.72 -2.91 -13.52
N MET A 75 -7.55 -3.67 -14.61
CA MET A 75 -8.08 -5.02 -14.78
C MET A 75 -7.53 -5.94 -13.69
N GLU A 76 -6.20 -5.92 -13.45
CA GLU A 76 -5.55 -6.77 -12.42
C GLU A 76 -5.96 -6.40 -11.00
N VAL A 77 -6.12 -5.08 -10.73
CA VAL A 77 -6.57 -4.57 -9.43
C VAL A 77 -8.01 -5.05 -9.17
N MET A 78 -8.88 -4.99 -10.20
CA MET A 78 -10.26 -5.49 -10.12
C MET A 78 -10.34 -6.98 -9.77
N LYS A 79 -9.45 -7.80 -10.34
CA LYS A 79 -9.38 -9.25 -10.02
C LYS A 79 -8.96 -9.43 -8.58
N LEU A 80 -7.92 -8.69 -8.13
CA LEU A 80 -7.39 -8.78 -6.77
C LEU A 80 -8.39 -8.38 -5.71
N ILE A 81 -9.14 -7.29 -5.96
CA ILE A 81 -10.13 -6.77 -5.01
C ILE A 81 -11.31 -7.73 -4.83
N GLY A 82 -11.76 -8.36 -5.92
CA GLY A 82 -12.87 -9.28 -5.83
C GLY A 82 -14.22 -8.57 -5.91
N ARG A 83 -15.28 -9.36 -5.78
CA ARG A 83 -16.68 -8.97 -5.96
C ARG A 83 -17.37 -8.39 -4.73
N HIS A 84 -18.19 -7.35 -4.96
CA HIS A 84 -19.09 -6.77 -3.97
C HIS A 84 -20.27 -6.18 -4.72
N LYS A 85 -21.46 -6.36 -4.15
CA LYS A 85 -22.69 -5.82 -4.72
C LYS A 85 -22.62 -4.28 -4.98
N ASN A 86 -21.85 -3.53 -4.17
CA ASN A 86 -21.86 -2.08 -4.28
C ASN A 86 -20.63 -1.46 -4.93
N ILE A 87 -20.05 -2.18 -5.87
CA ILE A 87 -18.94 -1.67 -6.67
C ILE A 87 -19.22 -2.13 -8.08
N ILE A 88 -18.64 -1.47 -9.08
CA ILE A 88 -18.75 -1.89 -10.49
C ILE A 88 -17.83 -3.10 -10.58
N ASN A 89 -18.40 -4.28 -10.83
CA ASN A 89 -17.58 -5.48 -10.85
C ASN A 89 -17.03 -5.84 -12.19
N LEU A 90 -15.86 -6.52 -12.21
CA LEU A 90 -15.28 -7.05 -13.44
C LEU A 90 -16.12 -8.32 -13.77
N LEU A 91 -16.44 -8.51 -15.04
CA LEU A 91 -17.25 -9.65 -15.49
C LEU A 91 -16.49 -10.65 -16.36
N GLY A 92 -15.53 -10.14 -17.12
CA GLY A 92 -14.71 -10.94 -18.02
C GLY A 92 -13.75 -10.04 -18.77
N VAL A 93 -12.85 -10.65 -19.57
CA VAL A 93 -11.82 -9.93 -20.33
C VAL A 93 -11.62 -10.57 -21.71
N CYS A 94 -11.21 -9.76 -22.69
CA CYS A 94 -10.89 -10.20 -24.06
C CYS A 94 -9.47 -9.68 -24.30
N THR A 95 -8.47 -10.54 -24.02
CA THR A 95 -7.05 -10.19 -24.12
C THR A 95 -6.37 -10.71 -25.40
N GLN A 96 -6.92 -11.80 -25.98
CA GLN A 96 -6.37 -12.50 -27.13
C GLN A 96 -6.96 -12.11 -28.46
N GLU A 97 -6.09 -12.10 -29.50
CA GLU A 97 -6.40 -11.83 -30.90
C GLU A 97 -7.25 -10.58 -31.16
N GLY A 98 -6.82 -9.45 -30.60
CA GLY A 98 -7.50 -8.17 -30.78
C GLY A 98 -7.23 -7.16 -29.67
N PRO A 99 -7.87 -5.97 -29.71
CA PRO A 99 -7.66 -4.99 -28.61
C PRO A 99 -8.23 -5.46 -27.27
N LEU A 100 -7.60 -5.01 -26.16
CA LEU A 100 -8.01 -5.36 -24.81
C LEU A 100 -9.37 -4.79 -24.42
N TYR A 101 -10.31 -5.68 -24.06
CA TYR A 101 -11.64 -5.31 -23.62
C TYR A 101 -11.78 -5.71 -22.16
N VAL A 102 -12.12 -4.74 -21.30
CA VAL A 102 -12.33 -5.01 -19.87
C VAL A 102 -13.83 -4.87 -19.66
N ILE A 103 -14.50 -6.04 -19.57
CA ILE A 103 -15.96 -6.12 -19.42
C ILE A 103 -16.37 -5.95 -17.97
N VAL A 104 -17.22 -4.96 -17.72
CA VAL A 104 -17.71 -4.66 -16.36
C VAL A 104 -19.22 -4.50 -16.36
N GLU A 105 -19.81 -4.44 -15.16
CA GLU A 105 -21.23 -4.27 -14.98
C GLU A 105 -21.71 -2.95 -15.55
N CYS A 106 -22.90 -2.98 -16.19
CA CYS A 106 -23.61 -1.86 -16.78
C CYS A 106 -24.34 -1.13 -15.64
N ALA A 107 -24.36 0.20 -15.67
CA ALA A 107 -25.10 1.00 -14.71
C ALA A 107 -26.02 1.91 -15.54
N ALA A 108 -27.13 1.31 -16.03
CA ALA A 108 -28.14 1.90 -16.94
C ALA A 108 -28.66 3.28 -16.57
N LYS A 109 -28.77 3.59 -15.27
CA LYS A 109 -29.33 4.88 -14.80
C LYS A 109 -28.29 5.99 -14.63
N GLY A 110 -27.03 5.71 -14.96
CA GLY A 110 -25.96 6.70 -14.92
C GLY A 110 -25.42 7.01 -13.55
N ASN A 111 -24.75 8.16 -13.42
CA ASN A 111 -24.15 8.50 -12.14
C ASN A 111 -25.18 9.03 -11.15
N LEU A 112 -24.86 8.91 -9.88
CA LEU A 112 -25.75 9.27 -8.80
C LEU A 112 -26.13 10.73 -8.78
N ARG A 113 -25.21 11.63 -9.13
CA ARG A 113 -25.49 13.07 -9.07
C ARG A 113 -26.62 13.43 -10.04
N GLU A 114 -26.53 12.95 -11.29
CA GLU A 114 -27.54 13.19 -12.32
C GLU A 114 -28.81 12.42 -12.06
N PHE A 115 -28.71 11.20 -11.46
CA PHE A 115 -29.86 10.40 -11.05
C PHE A 115 -30.68 11.22 -10.04
N LEU A 116 -30.02 11.81 -9.03
CA LEU A 116 -30.72 12.60 -8.01
C LEU A 116 -31.27 13.94 -8.56
N ARG A 117 -30.49 14.65 -9.40
CA ARG A 117 -30.90 15.94 -10.00
C ARG A 117 -32.17 15.78 -10.87
N ALA A 118 -32.25 14.70 -11.64
CA ALA A 118 -33.39 14.37 -12.50
C ALA A 118 -34.62 13.99 -11.66
N ARG A 119 -34.47 13.69 -10.35
CA ARG A 119 -35.57 13.26 -9.47
C ARG A 119 -35.88 14.25 -8.34
N ARG A 120 -35.60 15.52 -8.61
CA ARG A 120 -35.80 16.63 -7.68
C ARG A 120 -37.24 17.13 -7.60
N PRO A 121 -37.75 17.51 -6.39
CA PRO A 121 -39.09 18.13 -6.32
C PRO A 121 -39.02 19.62 -6.71
N PRO A 122 -40.15 20.34 -6.94
CA PRO A 122 -40.05 21.77 -7.31
C PRO A 122 -39.23 22.60 -6.32
N GLY A 123 -38.20 23.27 -6.86
CA GLY A 123 -37.24 24.08 -6.12
C GLY A 123 -37.72 25.42 -5.60
N PRO A 124 -36.78 26.32 -5.18
CA PRO A 124 -37.18 27.62 -4.61
C PRO A 124 -37.80 28.62 -5.58
N ASP A 125 -37.63 28.39 -6.90
CA ASP A 125 -38.19 29.23 -7.96
C ASP A 125 -39.64 28.83 -8.36
N LEU A 126 -40.16 27.74 -7.73
CA LEU A 126 -41.50 27.17 -7.92
C LEU A 126 -42.24 27.05 -6.57
N SER A 127 -41.61 26.43 -5.55
CA SER A 127 -42.22 26.21 -4.24
C SER A 127 -42.15 27.44 -3.35
N PRO A 137 -39.90 12.62 -6.04
CA PRO A 137 -40.06 11.20 -6.37
C PRO A 137 -39.34 10.24 -5.44
N LEU A 138 -38.14 10.62 -4.96
CA LEU A 138 -37.32 9.77 -4.09
C LEU A 138 -37.63 9.93 -2.62
N SER A 139 -38.15 8.83 -2.02
CA SER A 139 -38.48 8.82 -0.61
C SER A 139 -37.23 8.90 0.26
N PHE A 140 -37.41 9.43 1.45
CA PHE A 140 -36.36 9.54 2.44
C PHE A 140 -35.64 8.17 2.72
N PRO A 141 -36.36 7.01 2.93
CA PRO A 141 -35.64 5.72 3.10
C PRO A 141 -34.78 5.32 1.90
N VAL A 142 -35.20 5.67 0.67
CA VAL A 142 -34.43 5.34 -0.52
C VAL A 142 -33.07 6.11 -0.52
N LEU A 143 -33.11 7.40 -0.08
CA LEU A 143 -31.93 8.25 0.01
C LEU A 143 -30.93 7.72 1.02
N VAL A 144 -31.42 7.23 2.19
CA VAL A 144 -30.56 6.66 3.25
C VAL A 144 -29.96 5.34 2.74
N SER A 145 -30.76 4.54 2.01
CA SER A 145 -30.35 3.29 1.42
C SER A 145 -29.20 3.54 0.46
N CYS A 146 -29.27 4.62 -0.36
CA CYS A 146 -28.20 5.05 -1.29
C CYS A 146 -26.93 5.28 -0.48
N ALA A 147 -27.01 6.06 0.61
CA ALA A 147 -25.85 6.39 1.45
C ALA A 147 -25.23 5.14 2.05
N TYR A 148 -26.09 4.27 2.60
CA TYR A 148 -25.75 3.01 3.23
C TYR A 148 -25.04 2.07 2.24
N GLN A 149 -25.58 1.95 1.01
CA GLN A 149 -24.98 1.13 -0.04
C GLN A 149 -23.57 1.61 -0.38
N VAL A 150 -23.41 2.95 -0.53
CA VAL A 150 -22.09 3.52 -0.80
C VAL A 150 -21.14 3.25 0.41
N ALA A 151 -21.66 3.39 1.64
CA ALA A 151 -20.83 3.12 2.83
C ALA A 151 -20.36 1.64 2.83
N ARG A 152 -21.25 0.71 2.42
CA ARG A 152 -20.96 -0.74 2.36
C ARG A 152 -19.92 -1.06 1.34
N GLY A 153 -20.06 -0.43 0.17
CA GLY A 153 -19.10 -0.58 -0.91
C GLY A 153 -17.73 -0.08 -0.47
N MET A 154 -17.70 1.09 0.21
CA MET A 154 -16.42 1.67 0.67
C MET A 154 -15.79 0.82 1.75
N GLN A 155 -16.61 0.23 2.62
CA GLN A 155 -16.14 -0.64 3.69
C GLN A 155 -15.43 -1.81 3.04
N TYR A 156 -16.05 -2.39 2.01
CA TYR A 156 -15.47 -3.51 1.29
C TYR A 156 -14.16 -3.12 0.64
N LEU A 157 -14.12 -1.99 -0.07
CA LEU A 157 -12.88 -1.55 -0.73
C LEU A 157 -11.71 -1.36 0.27
N GLU A 158 -12.03 -0.76 1.43
CA GLU A 158 -11.06 -0.51 2.49
C GLU A 158 -10.49 -1.84 3.00
N SER A 159 -11.38 -2.86 3.22
CA SER A 159 -10.97 -4.22 3.68
C SER A 159 -10.04 -4.90 2.68
N ARG A 160 -10.10 -4.47 1.42
CA ARG A 160 -9.29 -4.96 0.31
C ARG A 160 -8.12 -4.02 0.01
N LYS A 161 -7.78 -3.12 0.97
CA LYS A 161 -6.64 -2.19 0.92
C LYS A 161 -6.75 -1.20 -0.22
N CYS A 162 -7.98 -0.85 -0.59
CA CYS A 162 -8.21 0.07 -1.69
C CYS A 162 -8.59 1.44 -1.17
N ILE A 163 -7.75 2.44 -1.46
CA ILE A 163 -8.01 3.85 -1.15
C ILE A 163 -8.57 4.39 -2.45
N HIS A 164 -9.82 4.90 -2.42
CA HIS A 164 -10.45 5.45 -3.63
C HIS A 164 -9.79 6.76 -4.13
N ARG A 165 -9.68 7.79 -3.25
CA ARG A 165 -9.07 9.12 -3.55
C ARG A 165 -10.01 10.08 -4.32
N ASP A 166 -11.07 9.56 -4.96
CA ASP A 166 -11.98 10.41 -5.72
C ASP A 166 -13.46 10.05 -5.48
N LEU A 167 -13.85 9.86 -4.20
CA LEU A 167 -15.22 9.49 -3.87
C LEU A 167 -16.11 10.74 -3.98
N ALA A 168 -17.15 10.68 -4.82
CA ALA A 168 -18.06 11.78 -5.09
C ALA A 168 -19.26 11.16 -5.78
N ALA A 169 -20.45 11.81 -5.73
CA ALA A 169 -21.68 11.31 -6.39
C ALA A 169 -21.49 11.06 -7.89
N ARG A 170 -20.58 11.81 -8.55
CA ARG A 170 -20.33 11.55 -9.97
C ARG A 170 -19.63 10.19 -10.19
N ASN A 171 -18.98 9.61 -9.17
CA ASN A 171 -18.28 8.32 -9.29
C ASN A 171 -19.07 7.16 -8.65
N VAL A 172 -20.33 7.41 -8.35
CA VAL A 172 -21.23 6.41 -7.84
C VAL A 172 -22.22 6.23 -8.97
N LEU A 173 -22.36 5.00 -9.44
CA LEU A 173 -23.27 4.67 -10.54
C LEU A 173 -24.47 3.92 -10.06
N VAL A 174 -25.59 4.04 -10.80
CA VAL A 174 -26.88 3.44 -10.44
C VAL A 174 -27.31 2.44 -11.51
N THR A 175 -27.67 1.21 -11.10
CA THR A 175 -28.08 0.20 -12.09
C THR A 175 -29.54 0.34 -12.42
N GLU A 176 -30.02 -0.41 -13.44
CA GLU A 176 -31.44 -0.43 -13.82
C GLU A 176 -32.30 -0.80 -12.57
N ASP A 177 -31.75 -1.65 -11.68
CA ASP A 177 -32.38 -2.13 -10.43
C ASP A 177 -32.13 -1.20 -9.22
N ASN A 178 -31.60 0.03 -9.46
CA ASN A 178 -31.37 1.06 -8.44
C ASN A 178 -30.33 0.68 -7.37
N VAL A 179 -29.35 -0.17 -7.72
CA VAL A 179 -28.26 -0.55 -6.84
C VAL A 179 -27.11 0.47 -7.05
N MET A 180 -26.51 1.00 -5.96
CA MET A 180 -25.38 1.93 -6.03
C MET A 180 -24.12 1.12 -6.19
N LYS A 181 -23.28 1.54 -7.13
CA LYS A 181 -22.03 0.88 -7.43
C LYS A 181 -20.93 1.93 -7.59
N ILE A 182 -19.92 1.84 -6.74
CA ILE A 182 -18.76 2.71 -6.78
C ILE A 182 -17.96 2.33 -8.03
N ALA A 183 -17.58 3.33 -8.82
CA ALA A 183 -16.81 3.09 -10.02
C ALA A 183 -15.44 3.70 -9.86
N ASP A 184 -14.50 3.25 -10.72
CA ASP A 184 -13.14 3.78 -10.86
C ASP A 184 -12.29 3.70 -9.60
N PHE A 185 -12.47 2.59 -8.87
CA PHE A 185 -11.70 2.31 -7.67
C PHE A 185 -10.39 1.62 -8.02
N GLY A 186 -10.31 0.99 -9.19
CA GLY A 186 -9.14 0.25 -9.64
C GLY A 186 -8.10 1.06 -10.40
N LEU A 187 -8.36 2.36 -10.63
CA LEU A 187 -7.48 3.27 -11.39
C LEU A 187 -6.08 3.40 -10.80
N ALA A 188 -5.05 3.39 -11.69
CA ALA A 188 -3.63 3.47 -11.33
C ALA A 188 -3.20 4.92 -11.09
N ARG A 204 -9.48 21.01 -14.10
CA ARG A 204 -9.87 21.33 -12.72
C ARG A 204 -9.79 20.11 -11.80
N LEU A 205 -9.27 20.31 -10.57
CA LEU A 205 -9.09 19.28 -9.54
C LEU A 205 -10.35 19.21 -8.62
N PRO A 206 -10.77 18.01 -8.12
CA PRO A 206 -12.00 17.94 -7.28
C PRO A 206 -11.76 18.33 -5.82
N VAL A 207 -11.25 19.54 -5.66
CA VAL A 207 -10.84 20.21 -4.42
C VAL A 207 -11.94 20.17 -3.31
N LYS A 208 -13.23 20.32 -3.70
CA LYS A 208 -14.36 20.38 -2.75
C LYS A 208 -14.68 19.04 -2.03
N TRP A 209 -14.12 17.91 -2.51
CA TRP A 209 -14.34 16.58 -1.91
C TRP A 209 -13.12 16.12 -1.12
N MET A 210 -12.00 16.84 -1.23
CA MET A 210 -10.72 16.44 -0.66
C MET A 210 -10.56 16.76 0.80
N ALA A 211 -10.04 15.79 1.60
CA ALA A 211 -9.71 16.05 3.00
C ALA A 211 -8.60 17.09 3.05
N PRO A 212 -8.53 17.94 4.11
CA PRO A 212 -7.46 18.96 4.17
C PRO A 212 -6.03 18.41 4.11
N GLU A 213 -5.75 17.22 4.71
CA GLU A 213 -4.41 16.64 4.64
C GLU A 213 -4.09 16.19 3.21
N ALA A 214 -5.13 15.92 2.39
CA ALA A 214 -4.94 15.54 1.00
C ALA A 214 -4.76 16.81 0.15
N LEU A 215 -5.53 17.87 0.44
CA LEU A 215 -5.47 19.15 -0.25
C LEU A 215 -4.09 19.77 -0.11
N PHE A 216 -3.71 19.98 1.15
CA PHE A 216 -2.53 20.70 1.54
C PHE A 216 -1.25 19.85 1.58
N ASP A 217 -1.32 18.59 2.11
CA ASP A 217 -0.11 17.75 2.27
C ASP A 217 -0.01 16.54 1.30
N ARG A 218 -0.96 16.40 0.37
CA ARG A 218 -1.01 15.32 -0.64
C ARG A 218 -0.99 13.90 0.00
N VAL A 219 -1.55 13.79 1.22
CA VAL A 219 -1.65 12.55 2.02
C VAL A 219 -3.05 11.95 1.80
N TYR A 220 -3.15 10.75 1.19
CA TYR A 220 -4.43 10.07 0.94
C TYR A 220 -4.50 8.76 1.70
N THR A 221 -5.42 8.66 2.67
CA THR A 221 -5.64 7.46 3.49
C THR A 221 -7.12 7.04 3.41
N HIS A 222 -7.52 6.02 4.17
CA HIS A 222 -8.92 5.61 4.28
C HIS A 222 -9.72 6.70 4.96
N GLN A 223 -9.07 7.44 5.88
CA GLN A 223 -9.69 8.54 6.61
C GLN A 223 -9.97 9.77 5.76
N SER A 224 -9.19 9.97 4.66
CA SER A 224 -9.46 11.06 3.75
C SER A 224 -10.64 10.68 2.85
N ASP A 225 -10.83 9.36 2.58
CA ASP A 225 -12.00 8.87 1.83
C ASP A 225 -13.24 9.07 2.71
N VAL A 226 -13.10 8.95 4.03
CA VAL A 226 -14.21 9.19 4.99
C VAL A 226 -14.66 10.66 4.89
N TRP A 227 -13.70 11.60 4.71
CA TRP A 227 -14.04 13.02 4.54
C TRP A 227 -14.88 13.19 3.27
N SER A 228 -14.44 12.57 2.15
CA SER A 228 -15.14 12.64 0.85
C SER A 228 -16.52 12.03 0.99
N PHE A 229 -16.63 10.90 1.72
CA PHE A 229 -17.94 10.27 1.95
C PHE A 229 -18.90 11.28 2.64
N GLY A 230 -18.37 12.09 3.56
CA GLY A 230 -19.16 13.13 4.22
C GLY A 230 -19.72 14.14 3.23
N ILE A 231 -18.88 14.56 2.26
CA ILE A 231 -19.29 15.46 1.17
C ILE A 231 -20.37 14.77 0.31
N LEU A 232 -20.12 13.50 -0.01
N LEU A 232 -20.14 13.49 -0.02
CA LEU A 232 -21.06 12.66 -0.77
CA LEU A 232 -21.09 12.69 -0.79
C LEU A 232 -22.42 12.59 -0.04
C LEU A 232 -22.44 12.59 -0.05
N LEU A 233 -22.42 12.42 1.29
CA LEU A 233 -23.65 12.38 2.11
C LEU A 233 -24.46 13.68 1.88
N TRP A 234 -23.77 14.82 1.96
CA TRP A 234 -24.36 16.12 1.70
C TRP A 234 -24.93 16.18 0.27
N GLU A 235 -24.19 15.67 -0.76
CA GLU A 235 -24.66 15.63 -2.15
C GLU A 235 -25.95 14.80 -2.24
N ILE A 236 -26.02 13.67 -1.50
CA ILE A 236 -27.23 12.84 -1.48
C ILE A 236 -28.43 13.62 -0.91
N PHE A 237 -28.26 14.24 0.28
CA PHE A 237 -29.36 14.88 0.97
C PHE A 237 -29.71 16.27 0.41
N THR A 238 -29.01 16.73 -0.64
CA THR A 238 -29.38 17.95 -1.36
C THR A 238 -29.84 17.55 -2.75
N LEU A 239 -29.95 16.22 -2.99
CA LEU A 239 -30.33 15.63 -4.26
C LEU A 239 -29.42 16.09 -5.41
N GLY A 240 -28.13 15.90 -5.25
CA GLY A 240 -27.15 16.24 -6.28
C GLY A 240 -26.72 17.69 -6.24
N GLY A 241 -26.76 18.32 -5.07
CA GLY A 241 -26.32 19.70 -4.93
C GLY A 241 -24.82 19.86 -5.07
N SER A 242 -24.37 21.05 -5.49
CA SER A 242 -22.97 21.40 -5.65
C SER A 242 -22.41 21.77 -4.29
N PRO A 243 -21.35 21.09 -3.78
CA PRO A 243 -20.81 21.43 -2.44
C PRO A 243 -20.33 22.87 -2.28
N TYR A 244 -20.41 23.39 -1.04
CA TYR A 244 -20.00 24.76 -0.69
C TYR A 244 -20.71 25.80 -1.62
N PRO A 245 -22.07 25.81 -1.68
CA PRO A 245 -22.74 26.75 -2.60
C PRO A 245 -22.35 28.22 -2.39
N GLY A 246 -22.00 28.84 -3.50
CA GLY A 246 -21.58 30.24 -3.58
C GLY A 246 -20.11 30.48 -3.38
N ILE A 247 -19.52 29.89 -2.32
CA ILE A 247 -18.13 30.01 -1.89
C ILE A 247 -17.12 29.80 -3.03
N PRO A 248 -16.25 30.79 -3.31
CA PRO A 248 -15.21 30.58 -4.33
C PRO A 248 -14.20 29.54 -3.82
N VAL A 249 -13.70 28.71 -4.73
CA VAL A 249 -12.74 27.63 -4.48
C VAL A 249 -11.53 28.13 -3.68
N GLU A 250 -11.05 29.36 -4.01
CA GLU A 250 -9.91 30.03 -3.36
C GLU A 250 -10.17 30.25 -1.86
N GLU A 251 -11.42 30.59 -1.51
CA GLU A 251 -11.91 30.88 -0.16
C GLU A 251 -12.15 29.62 0.69
N LEU A 252 -12.33 28.44 0.04
CA LEU A 252 -12.63 27.16 0.69
C LEU A 252 -11.63 26.77 1.79
N PHE A 253 -10.36 26.74 1.42
CA PHE A 253 -9.23 26.37 2.28
C PHE A 253 -9.17 27.18 3.58
N SER A 254 -9.31 28.52 3.49
CA SER A 254 -9.30 29.38 4.67
C SER A 254 -10.51 29.11 5.55
N LEU A 255 -11.69 28.92 4.95
CA LEU A 255 -12.93 28.60 5.66
C LEU A 255 -12.83 27.27 6.43
N LEU A 256 -12.21 26.23 5.83
CA LEU A 256 -12.00 24.94 6.53
C LEU A 256 -11.05 25.07 7.71
N ARG A 257 -9.98 25.88 7.55
CA ARG A 257 -8.94 26.17 8.57
C ARG A 257 -9.51 26.91 9.76
N GLU A 258 -10.60 27.63 9.56
CA GLU A 258 -11.32 28.39 10.58
C GLU A 258 -12.37 27.52 11.30
N GLY A 259 -12.57 26.29 10.84
CA GLY A 259 -13.53 25.38 11.47
C GLY A 259 -14.93 25.46 10.89
N HIS A 260 -15.09 26.22 9.79
CA HIS A 260 -16.39 26.33 9.13
C HIS A 260 -16.59 25.06 8.29
N ARG A 261 -17.84 24.65 8.13
CA ARG A 261 -18.24 23.46 7.33
C ARG A 261 -19.57 23.79 6.72
N MET A 262 -20.04 22.95 5.78
CA MET A 262 -21.36 23.21 5.18
C MET A 262 -22.49 23.12 6.21
N ASP A 263 -23.54 23.91 5.99
CA ASP A 263 -24.76 23.94 6.81
C ASP A 263 -25.59 22.67 6.52
N ARG A 264 -26.47 22.33 7.46
CA ARG A 264 -27.35 21.19 7.32
C ARG A 264 -28.28 21.43 6.12
N PRO A 265 -28.31 20.50 5.13
CA PRO A 265 -29.22 20.69 3.97
C PRO A 265 -30.68 20.87 4.41
N PRO A 266 -31.56 21.55 3.62
CA PRO A 266 -32.97 21.67 4.03
C PRO A 266 -33.65 20.29 4.09
N HIS A 267 -34.44 20.05 5.15
CA HIS A 267 -35.19 18.80 5.42
C HIS A 267 -34.30 17.62 5.79
N CYS A 268 -32.98 17.83 5.96
CA CYS A 268 -32.08 16.75 6.34
C CYS A 268 -32.16 16.54 7.86
N PRO A 269 -32.37 15.29 8.36
CA PRO A 269 -32.44 15.07 9.82
C PRO A 269 -31.12 15.30 10.55
N PRO A 270 -31.15 15.81 11.81
CA PRO A 270 -29.90 16.04 12.57
C PRO A 270 -28.98 14.82 12.74
N GLU A 271 -29.53 13.61 12.76
CA GLU A 271 -28.76 12.36 12.88
C GLU A 271 -27.81 12.19 11.69
N LEU A 272 -28.28 12.52 10.48
CA LEU A 272 -27.50 12.40 9.26
C LEU A 272 -26.52 13.56 9.12
N TYR A 273 -26.93 14.78 9.51
CA TYR A 273 -26.03 15.93 9.50
C TYR A 273 -24.91 15.71 10.51
N GLY A 274 -25.23 15.10 11.64
CA GLY A 274 -24.28 14.73 12.67
C GLY A 274 -23.22 13.81 12.11
N LEU A 275 -23.60 12.85 11.22
CA LEU A 275 -22.62 11.95 10.59
C LEU A 275 -21.69 12.70 9.65
N MET A 276 -22.24 13.62 8.83
CA MET A 276 -21.47 14.48 7.90
C MET A 276 -20.40 15.25 8.66
N ARG A 277 -20.77 15.88 9.80
CA ARG A 277 -19.87 16.68 10.63
C ARG A 277 -18.78 15.84 11.25
N GLU A 278 -19.05 14.57 11.55
CA GLU A 278 -18.03 13.67 12.10
C GLU A 278 -16.99 13.35 11.03
N CYS A 279 -17.44 13.18 9.77
CA CYS A 279 -16.57 12.90 8.60
C CYS A 279 -15.70 14.12 8.36
N TRP A 280 -16.19 15.31 8.73
CA TRP A 280 -15.48 16.56 8.49
C TRP A 280 -14.64 17.04 9.68
N HIS A 281 -14.29 16.13 10.61
CA HIS A 281 -13.38 16.53 11.71
C HIS A 281 -11.99 16.73 11.13
N ALA A 282 -11.31 17.82 11.54
CA ALA A 282 -9.97 18.18 11.04
C ALA A 282 -8.97 17.03 11.19
N ALA A 283 -8.98 16.33 12.36
CA ALA A 283 -8.06 15.25 12.62
C ALA A 283 -8.55 13.94 11.98
N PRO A 284 -7.77 13.32 11.08
CA PRO A 284 -8.22 12.04 10.47
C PRO A 284 -8.64 10.97 11.48
N SER A 285 -7.91 10.82 12.60
CA SER A 285 -8.19 9.84 13.66
C SER A 285 -9.50 10.13 14.41
N GLN A 286 -10.04 11.36 14.32
CA GLN A 286 -11.28 11.73 14.97
C GLN A 286 -12.51 11.52 14.10
N ARG A 287 -12.30 11.08 12.86
CA ARG A 287 -13.39 10.84 11.89
C ARG A 287 -13.90 9.41 12.08
N PRO A 288 -15.16 9.07 11.76
CA PRO A 288 -15.58 7.66 11.93
C PRO A 288 -14.91 6.74 10.90
N THR A 289 -14.96 5.44 11.15
CA THR A 289 -14.42 4.46 10.19
C THR A 289 -15.59 4.13 9.27
N PHE A 290 -15.34 3.42 8.15
CA PHE A 290 -16.43 3.00 7.26
C PHE A 290 -17.35 2.00 7.98
N LYS A 291 -16.79 1.18 8.87
CA LYS A 291 -17.54 0.23 9.72
C LYS A 291 -18.60 0.95 10.58
N GLN A 292 -18.22 2.05 11.24
CA GLN A 292 -19.15 2.82 12.08
C GLN A 292 -20.14 3.55 11.21
N LEU A 293 -19.71 4.01 10.02
CA LEU A 293 -20.62 4.70 9.12
C LEU A 293 -21.71 3.71 8.63
N VAL A 294 -21.30 2.47 8.25
CA VAL A 294 -22.19 1.38 7.80
C VAL A 294 -23.19 1.09 8.95
N GLU A 295 -22.67 0.95 10.19
CA GLU A 295 -23.47 0.69 11.39
C GLU A 295 -24.46 1.80 11.69
N ALA A 296 -24.04 3.07 11.64
CA ALA A 296 -24.93 4.20 11.91
C ALA A 296 -25.99 4.39 10.81
N LEU A 297 -25.61 4.17 9.54
CA LEU A 297 -26.53 4.32 8.41
C LEU A 297 -27.58 3.20 8.36
N ASP A 298 -27.21 1.97 8.77
CA ASP A 298 -28.13 0.84 8.85
C ASP A 298 -29.17 1.08 9.94
N LYS A 299 -28.75 1.65 11.10
CA LYS A 299 -29.66 2.00 12.19
C LYS A 299 -30.70 3.02 11.71
N VAL A 300 -30.27 4.10 11.02
CA VAL A 300 -31.18 5.11 10.46
C VAL A 300 -32.11 4.46 9.42
N LEU A 301 -31.54 3.72 8.44
CA LEU A 301 -32.30 3.09 7.38
C LEU A 301 -33.43 2.20 7.92
N LEU A 302 -33.11 1.32 8.87
CA LEU A 302 -34.12 0.40 9.42
C LEU A 302 -35.24 1.13 10.19
N ALA A 303 -34.91 2.23 10.88
CA ALA A 303 -35.92 3.02 11.61
C ALA A 303 -36.82 3.83 10.67
N VAL A 304 -36.21 4.52 9.70
CA VAL A 304 -36.85 5.42 8.73
C VAL A 304 -37.74 4.63 7.73
N SER A 305 -37.45 3.33 7.54
CA SER A 305 -38.23 2.45 6.66
C SER A 305 -39.66 2.19 7.20
N GLU A 306 -39.88 2.48 8.48
CA GLU A 306 -41.19 2.36 9.14
C GLU A 306 -41.60 3.67 9.81
N GLU A 307 -41.21 4.83 9.21
CA GLU A 307 -41.54 6.18 9.68
C GLU A 307 -42.66 6.83 8.85
N SER B 5 21.68 -9.99 36.38
CA SER B 5 22.54 -8.82 36.20
C SER B 5 21.98 -7.57 36.89
N LEU B 6 20.80 -7.07 36.42
CA LEU B 6 20.04 -5.92 36.94
C LEU B 6 20.86 -4.60 37.00
N ASP B 7 21.34 -4.11 35.84
CA ASP B 7 22.11 -2.86 35.78
C ASP B 7 21.86 -2.05 34.50
N LEU B 8 21.64 -0.74 34.68
CA LEU B 8 21.43 0.23 33.61
C LEU B 8 22.24 1.51 33.91
N PRO B 9 23.59 1.50 33.76
CA PRO B 9 24.36 2.72 34.03
C PRO B 9 24.15 3.83 33.00
N LEU B 10 24.47 5.06 33.40
CA LEU B 10 24.35 6.23 32.55
C LEU B 10 25.59 6.31 31.65
N ASP B 11 25.37 6.18 30.33
CA ASP B 11 26.41 6.25 29.32
C ASP B 11 26.42 7.67 28.72
N PRO B 12 27.50 8.45 28.98
CA PRO B 12 27.56 9.83 28.48
C PRO B 12 27.62 9.97 26.96
N LEU B 13 28.07 8.94 26.26
CA LEU B 13 28.14 9.00 24.81
C LEU B 13 26.76 8.76 24.17
N TRP B 14 25.77 8.22 24.94
CA TRP B 14 24.50 7.80 24.34
C TRP B 14 23.23 8.31 24.98
N GLU B 15 23.29 8.73 26.27
CA GLU B 15 22.11 9.22 26.97
C GLU B 15 21.50 10.44 26.30
N PHE B 16 20.22 10.32 25.96
CA PHE B 16 19.46 11.39 25.34
C PHE B 16 18.35 11.82 26.29
N PRO B 17 18.03 13.13 26.42
CA PRO B 17 16.96 13.55 27.34
C PRO B 17 15.57 13.13 26.87
N ARG B 18 14.87 12.50 27.80
CA ARG B 18 13.53 11.93 27.68
C ARG B 18 12.49 13.03 27.37
N ASP B 19 12.70 14.23 27.88
CA ASP B 19 11.79 15.33 27.59
C ASP B 19 11.98 15.87 26.14
N ARG B 20 12.97 15.33 25.37
CA ARG B 20 13.20 15.76 23.98
C ARG B 20 12.67 14.71 23.01
N LEU B 21 11.95 13.72 23.54
CA LEU B 21 11.43 12.61 22.76
C LEU B 21 9.94 12.54 22.92
N VAL B 22 9.19 12.55 21.79
CA VAL B 22 7.73 12.46 21.79
C VAL B 22 7.30 11.14 21.10
N LEU B 23 6.75 10.19 21.88
CA LEU B 23 6.29 8.92 21.32
C LEU B 23 5.01 9.04 20.49
N GLY B 24 4.89 8.20 19.47
CA GLY B 24 3.74 8.14 18.59
C GLY B 24 3.15 6.76 18.47
N LYS B 25 2.45 6.49 17.37
CA LYS B 25 1.80 5.18 17.17
C LYS B 25 2.77 4.03 17.02
N PRO B 26 2.46 2.86 17.61
CA PRO B 26 3.33 1.68 17.42
C PRO B 26 3.51 1.28 15.97
N LEU B 27 4.67 0.72 15.67
CA LEU B 27 5.03 0.25 14.32
C LEU B 27 4.93 -1.25 14.28
N GLY B 28 5.28 -1.86 15.41
CA GLY B 28 5.29 -3.30 15.59
C GLY B 28 5.16 -3.61 17.05
N GLU B 29 4.51 -4.74 17.35
CA GLU B 29 4.28 -5.18 18.72
C GLU B 29 4.51 -6.66 18.86
N GLY B 30 5.47 -6.99 19.71
CA GLY B 30 5.74 -8.36 20.10
C GLY B 30 4.97 -8.64 21.38
N CYS B 31 5.28 -9.76 22.04
CA CYS B 31 4.64 -10.20 23.27
C CYS B 31 4.99 -9.33 24.46
N PHE B 32 6.28 -9.08 24.68
CA PHE B 32 6.82 -8.30 25.81
C PHE B 32 7.56 -7.02 25.39
N GLY B 33 7.65 -6.78 24.08
CA GLY B 33 8.32 -5.63 23.51
C GLY B 33 7.57 -4.99 22.35
N GLN B 34 8.02 -3.79 21.96
CA GLN B 34 7.43 -3.04 20.85
C GLN B 34 8.38 -2.00 20.27
N VAL B 35 8.09 -1.59 19.02
CA VAL B 35 8.82 -0.56 18.27
C VAL B 35 7.76 0.50 17.96
N VAL B 36 8.02 1.76 18.31
CA VAL B 36 7.05 2.84 18.10
C VAL B 36 7.66 4.01 17.30
N ARG B 37 6.81 4.80 16.61
CA ARG B 37 7.19 6.02 15.91
C ARG B 37 7.49 7.01 17.00
N ALA B 38 8.37 7.96 16.73
CA ALA B 38 8.68 9.00 17.71
C ALA B 38 9.27 10.19 17.02
N GLU B 39 9.14 11.33 17.64
CA GLU B 39 9.72 12.56 17.14
C GLU B 39 10.73 12.97 18.20
N ALA B 40 11.95 13.29 17.80
CA ALA B 40 13.01 13.70 18.71
C ALA B 40 13.48 15.10 18.33
N PHE B 41 13.78 15.92 19.33
CA PHE B 41 14.26 17.28 19.09
C PHE B 41 15.71 17.36 19.44
N GLY B 42 16.53 17.68 18.45
CA GLY B 42 17.96 17.84 18.67
C GLY B 42 18.74 16.54 18.78
N MET B 43 18.30 15.51 18.04
CA MET B 43 18.97 14.22 17.92
C MET B 43 20.34 14.48 17.24
N ASP B 44 20.41 15.53 16.40
CA ASP B 44 21.66 15.99 15.81
C ASP B 44 22.09 17.15 16.70
N PRO B 45 23.15 16.98 17.55
CA PRO B 45 23.57 18.07 18.45
C PRO B 45 23.91 19.40 17.79
N ALA B 46 24.26 19.40 16.49
CA ALA B 46 24.55 20.63 15.77
C ALA B 46 23.24 21.43 15.46
N ARG B 47 22.08 20.75 15.46
CA ARG B 47 20.73 21.30 15.18
C ARG B 47 19.83 20.95 16.38
N PRO B 48 20.05 21.58 17.56
CA PRO B 48 19.32 21.15 18.77
C PRO B 48 17.82 21.39 18.76
N ASP B 49 17.33 22.29 17.92
CA ASP B 49 15.93 22.61 17.88
C ASP B 49 15.20 21.92 16.71
N GLN B 50 15.90 21.14 15.90
CA GLN B 50 15.21 20.50 14.78
C GLN B 50 14.54 19.22 15.18
N ALA B 51 13.36 18.97 14.60
CA ALA B 51 12.60 17.74 14.80
C ALA B 51 13.12 16.73 13.80
N SER B 52 13.15 15.45 14.20
CA SER B 52 13.46 14.31 13.33
C SER B 52 12.55 13.18 13.73
N THR B 53 12.24 12.31 12.77
CA THR B 53 11.40 11.16 12.99
C THR B 53 12.28 9.96 13.21
N VAL B 54 12.09 9.32 14.35
CA VAL B 54 12.89 8.19 14.80
C VAL B 54 11.97 7.01 15.11
N ALA B 55 12.56 5.91 15.55
CA ALA B 55 11.81 4.75 15.97
C ALA B 55 12.37 4.40 17.35
N VAL B 56 11.51 3.91 18.26
CA VAL B 56 11.93 3.60 19.63
C VAL B 56 11.59 2.16 19.97
N LYS B 57 12.61 1.38 20.40
CA LYS B 57 12.39 0.00 20.86
C LYS B 57 12.24 0.10 22.37
N MET B 58 11.27 -0.64 22.91
CA MET B 58 10.98 -0.62 24.33
C MET B 58 10.23 -1.88 24.71
N LEU B 59 10.10 -2.11 26.01
CA LEU B 59 9.37 -3.25 26.57
C LEU B 59 7.91 -2.86 26.85
N LYS B 60 7.05 -3.86 27.00
CA LYS B 60 5.68 -3.65 27.45
C LYS B 60 5.76 -3.90 28.98
N ASP B 61 4.74 -3.52 29.76
CA ASP B 61 4.80 -3.69 31.23
C ASP B 61 4.83 -5.17 31.68
N ASN B 62 4.34 -6.10 30.83
CA ASN B 62 4.34 -7.55 31.08
C ASN B 62 5.73 -8.21 30.86
N ALA B 63 6.78 -7.39 30.63
CA ALA B 63 8.14 -7.88 30.40
C ALA B 63 8.83 -8.29 31.70
N SER B 64 9.66 -9.32 31.59
CA SER B 64 10.42 -9.90 32.69
C SER B 64 11.83 -9.31 32.76
N ASP B 65 12.58 -9.62 33.83
CA ASP B 65 13.97 -9.20 33.99
C ASP B 65 14.83 -9.69 32.82
N LYS B 66 14.49 -10.88 32.27
CA LYS B 66 15.17 -11.52 31.14
C LYS B 66 15.00 -10.66 29.90
N ASP B 67 13.77 -10.18 29.63
CA ASP B 67 13.42 -9.28 28.51
C ASP B 67 14.22 -7.97 28.61
N LEU B 68 14.34 -7.43 29.83
CA LEU B 68 15.13 -6.22 30.07
C LEU B 68 16.59 -6.51 29.74
N ALA B 69 17.14 -7.63 30.22
CA ALA B 69 18.54 -8.00 29.96
C ALA B 69 18.76 -8.19 28.46
N ASP B 70 17.76 -8.75 27.76
CA ASP B 70 17.78 -8.96 26.32
C ASP B 70 17.80 -7.62 25.54
N LEU B 71 16.95 -6.63 25.94
CA LEU B 71 16.94 -5.31 25.29
C LEU B 71 18.26 -4.58 25.55
N VAL B 72 18.82 -4.69 26.78
CA VAL B 72 20.12 -4.07 27.14
C VAL B 72 21.24 -4.65 26.27
N SER B 73 21.22 -5.99 26.08
CA SER B 73 22.19 -6.72 25.27
C SER B 73 22.16 -6.22 23.83
N GLU B 74 20.96 -6.09 23.21
CA GLU B 74 20.79 -5.56 21.85
C GLU B 74 21.40 -4.14 21.75
N MET B 75 21.10 -3.27 22.75
CA MET B 75 21.60 -1.89 22.86
C MET B 75 23.13 -1.86 22.91
N GLU B 76 23.73 -2.69 23.79
CA GLU B 76 25.20 -2.79 23.92
C GLU B 76 25.87 -3.30 22.64
N VAL B 77 25.23 -4.22 21.90
CA VAL B 77 25.75 -4.70 20.61
C VAL B 77 25.71 -3.55 19.57
N MET B 78 24.57 -2.80 19.49
CA MET B 78 24.41 -1.65 18.60
C MET B 78 25.48 -0.57 18.90
N LYS B 79 25.77 -0.32 20.19
CA LYS B 79 26.85 0.61 20.59
C LYS B 79 28.20 0.15 20.06
N LEU B 80 28.51 -1.15 20.15
CA LEU B 80 29.79 -1.72 19.72
C LEU B 80 30.02 -1.73 18.22
N ILE B 81 28.99 -2.14 17.45
CA ILE B 81 29.08 -2.28 15.99
C ILE B 81 29.45 -0.94 15.32
N GLY B 82 28.98 0.19 15.84
CA GLY B 82 29.29 1.48 15.25
C GLY B 82 28.36 1.88 14.12
N ARG B 83 28.56 3.09 13.58
CA ARG B 83 27.70 3.65 12.57
C ARG B 83 28.05 3.29 11.12
N HIS B 84 27.01 3.04 10.32
CA HIS B 84 27.14 2.82 8.88
C HIS B 84 25.81 3.21 8.27
N LYS B 85 25.87 3.87 7.12
CA LYS B 85 24.69 4.34 6.40
C LYS B 85 23.73 3.18 6.07
N ASN B 86 24.23 1.96 5.87
CA ASN B 86 23.35 0.89 5.39
C ASN B 86 22.94 -0.13 6.47
N ILE B 87 22.87 0.31 7.72
CA ILE B 87 22.39 -0.51 8.82
C ILE B 87 21.46 0.36 9.64
N ILE B 88 20.59 -0.23 10.48
CA ILE B 88 19.74 0.55 11.36
C ILE B 88 20.65 0.99 12.52
N ASN B 89 20.88 2.29 12.64
CA ASN B 89 21.79 2.79 13.67
C ASN B 89 21.11 3.17 14.98
N LEU B 90 21.83 2.98 16.07
CA LEU B 90 21.40 3.45 17.37
C LEU B 90 21.64 4.96 17.38
N LEU B 91 20.66 5.73 17.85
CA LEU B 91 20.76 7.19 17.89
C LEU B 91 20.94 7.72 19.30
N GLY B 92 20.39 7.02 20.27
CA GLY B 92 20.46 7.46 21.65
C GLY B 92 19.66 6.52 22.50
N VAL B 93 19.70 6.74 23.82
CA VAL B 93 18.99 5.90 24.80
C VAL B 93 18.45 6.76 25.96
N CYS B 94 17.36 6.31 26.58
CA CYS B 94 16.75 6.93 27.77
C CYS B 94 16.70 5.75 28.74
N THR B 95 17.61 5.72 29.73
CA THR B 95 17.76 4.56 30.63
C THR B 95 17.30 4.84 32.07
N GLN B 96 17.26 6.13 32.42
CA GLN B 96 16.98 6.61 33.76
C GLN B 96 15.60 7.18 33.91
N GLU B 97 15.04 7.06 35.13
CA GLU B 97 13.78 7.66 35.57
C GLU B 97 12.62 7.41 34.62
N GLY B 98 12.43 6.16 34.28
CA GLY B 98 11.35 5.77 33.40
C GLY B 98 11.70 4.54 32.61
N PRO B 99 10.84 4.18 31.64
CA PRO B 99 11.10 2.99 30.83
C PRO B 99 12.36 3.14 29.95
N LEU B 100 13.05 2.01 29.70
CA LEU B 100 14.22 2.00 28.83
C LEU B 100 13.75 2.25 27.39
N TYR B 101 14.32 3.26 26.72
CA TYR B 101 14.03 3.56 25.31
C TYR B 101 15.30 3.39 24.55
N VAL B 102 15.29 2.55 23.53
CA VAL B 102 16.45 2.35 22.66
C VAL B 102 16.03 3.05 21.35
N ILE B 103 16.55 4.24 21.14
CA ILE B 103 16.20 5.10 19.98
C ILE B 103 17.04 4.73 18.79
N VAL B 104 16.38 4.38 17.69
CA VAL B 104 17.01 3.93 16.43
C VAL B 104 16.49 4.70 15.21
N GLU B 105 17.14 4.52 14.05
CA GLU B 105 16.68 5.16 12.83
C GLU B 105 15.33 4.64 12.38
N CYS B 106 14.52 5.53 11.81
CA CYS B 106 13.20 5.29 11.23
C CYS B 106 13.40 4.77 9.78
N ALA B 107 12.69 3.70 9.41
CA ALA B 107 12.66 3.12 8.06
C ALA B 107 11.23 3.30 7.55
N ALA B 108 10.89 4.54 7.14
CA ALA B 108 9.55 4.97 6.75
C ALA B 108 8.87 4.12 5.67
N LYS B 109 9.62 3.45 4.79
CA LYS B 109 9.03 2.65 3.70
C LYS B 109 8.96 1.15 4.00
N GLY B 110 9.18 0.78 5.27
CA GLY B 110 9.11 -0.61 5.73
C GLY B 110 10.23 -1.48 5.22
N ASN B 111 10.00 -2.80 5.16
CA ASN B 111 11.05 -3.72 4.72
C ASN B 111 11.15 -3.79 3.20
N LEU B 112 12.30 -4.27 2.70
CA LEU B 112 12.60 -4.31 1.28
C LEU B 112 11.62 -5.17 0.46
N ARG B 113 11.24 -6.33 1.00
CA ARG B 113 10.30 -7.22 0.32
C ARG B 113 8.98 -6.47 0.02
N GLU B 114 8.38 -5.80 1.05
CA GLU B 114 7.15 -5.00 0.97
C GLU B 114 7.33 -3.79 0.10
N PHE B 115 8.49 -3.09 0.18
CA PHE B 115 8.80 -1.94 -0.68
C PHE B 115 8.69 -2.38 -2.15
N LEU B 116 9.32 -3.52 -2.51
CA LEU B 116 9.34 -4.07 -3.86
C LEU B 116 7.95 -4.52 -4.35
N ARG B 117 7.25 -5.31 -3.54
CA ARG B 117 5.91 -5.82 -3.84
C ARG B 117 4.84 -4.71 -3.98
N ALA B 118 4.96 -3.60 -3.22
CA ALA B 118 3.98 -2.51 -3.32
C ALA B 118 4.18 -1.65 -4.58
N ARG B 119 5.35 -1.75 -5.21
CA ARG B 119 5.72 -1.00 -6.40
C ARG B 119 5.70 -1.86 -7.68
N ARG B 120 5.46 -3.17 -7.54
CA ARG B 120 5.37 -4.11 -8.66
C ARG B 120 4.02 -3.90 -9.42
N PRO B 121 3.99 -3.87 -10.78
CA PRO B 121 2.68 -3.80 -11.48
C PRO B 121 1.85 -5.04 -11.09
N PRO B 122 0.56 -4.86 -10.67
CA PRO B 122 -0.24 -6.03 -10.22
C PRO B 122 -0.42 -7.16 -11.25
N PRO B 137 8.47 2.81 -11.80
CA PRO B 137 8.85 3.08 -10.40
C PRO B 137 10.07 2.29 -9.90
N LEU B 138 10.21 0.99 -10.31
CA LEU B 138 11.35 0.16 -9.91
C LEU B 138 12.23 -0.10 -11.11
N SER B 139 12.89 0.96 -11.57
CA SER B 139 13.79 0.89 -12.71
C SER B 139 15.08 0.13 -12.34
N PHE B 140 15.78 -0.39 -13.36
CA PHE B 140 17.05 -1.10 -13.20
C PHE B 140 18.06 -0.33 -12.29
N PRO B 141 18.29 1.01 -12.45
CA PRO B 141 19.24 1.70 -11.53
C PRO B 141 18.81 1.68 -10.05
N VAL B 142 17.51 1.78 -9.77
CA VAL B 142 16.94 1.74 -8.41
C VAL B 142 17.24 0.35 -7.80
N LEU B 143 17.06 -0.71 -8.62
CA LEU B 143 17.27 -2.08 -8.15
C LEU B 143 18.73 -2.41 -7.87
N VAL B 144 19.67 -1.92 -8.72
CA VAL B 144 21.12 -2.12 -8.54
C VAL B 144 21.56 -1.32 -7.32
N SER B 145 21.01 -0.10 -7.11
CA SER B 145 21.34 0.69 -5.91
C SER B 145 20.91 -0.09 -4.64
N CYS B 146 19.70 -0.70 -4.63
CA CYS B 146 19.24 -1.53 -3.48
C CYS B 146 20.28 -2.61 -3.18
N ALA B 147 20.70 -3.36 -4.22
CA ALA B 147 21.64 -4.48 -4.09
C ALA B 147 23.01 -3.99 -3.62
N TYR B 148 23.49 -2.92 -4.24
CA TYR B 148 24.74 -2.27 -3.92
C TYR B 148 24.74 -1.82 -2.44
N GLN B 149 23.66 -1.17 -2.01
CA GLN B 149 23.52 -0.69 -0.63
C GLN B 149 23.50 -1.81 0.39
N VAL B 150 22.83 -2.94 0.07
CA VAL B 150 22.81 -4.09 1.00
C VAL B 150 24.22 -4.70 1.08
N ALA B 151 24.90 -4.84 -0.05
CA ALA B 151 26.27 -5.36 -0.12
C ALA B 151 27.20 -4.52 0.77
N ARG B 152 27.05 -3.17 0.74
CA ARG B 152 27.85 -2.25 1.57
C ARG B 152 27.57 -2.46 3.05
N GLY B 153 26.30 -2.57 3.42
CA GLY B 153 25.92 -2.81 4.82
C GLY B 153 26.52 -4.10 5.35
N MET B 154 26.48 -5.16 4.52
CA MET B 154 26.99 -6.47 4.89
C MET B 154 28.50 -6.46 5.02
N GLN B 155 29.20 -5.74 4.13
CA GLN B 155 30.65 -5.58 4.13
C GLN B 155 31.07 -4.91 5.43
N TYR B 156 30.30 -3.90 5.86
CA TYR B 156 30.57 -3.24 7.14
C TYR B 156 30.36 -4.18 8.30
N LEU B 157 29.20 -4.87 8.32
CA LEU B 157 28.92 -5.79 9.40
C LEU B 157 29.99 -6.86 9.53
N GLU B 158 30.49 -7.35 8.39
CA GLU B 158 31.53 -8.36 8.32
C GLU B 158 32.87 -7.84 8.93
N SER B 159 33.24 -6.58 8.62
CA SER B 159 34.44 -5.93 9.15
C SER B 159 34.34 -5.72 10.68
N ARG B 160 33.12 -5.75 11.23
CA ARG B 160 32.89 -5.60 12.67
C ARG B 160 32.69 -6.97 13.32
N LYS B 161 33.02 -8.05 12.59
CA LYS B 161 32.93 -9.47 13.01
C LYS B 161 31.50 -9.93 13.26
N CYS B 162 30.54 -9.31 12.55
CA CYS B 162 29.14 -9.67 12.71
C CYS B 162 28.64 -10.55 11.57
N ILE B 163 28.26 -11.80 11.90
CA ILE B 163 27.67 -12.78 10.98
C ILE B 163 26.15 -12.57 11.11
N HIS B 164 25.46 -12.18 10.00
CA HIS B 164 24.03 -11.89 10.05
C HIS B 164 23.15 -13.14 10.31
N ARG B 165 23.35 -14.22 9.52
CA ARG B 165 22.64 -15.51 9.59
C ARG B 165 21.25 -15.51 8.92
N ASP B 166 20.49 -14.41 9.02
CA ASP B 166 19.14 -14.36 8.42
C ASP B 166 19.03 -13.22 7.39
N LEU B 167 19.97 -13.17 6.43
CA LEU B 167 19.90 -12.11 5.43
C LEU B 167 18.85 -12.44 4.36
N ALA B 168 17.81 -11.63 4.28
CA ALA B 168 16.69 -11.77 3.35
C ALA B 168 16.10 -10.40 3.18
N ALA B 169 15.34 -10.17 2.09
CA ALA B 169 14.71 -8.86 1.80
C ALA B 169 13.81 -8.38 2.94
N ARG B 170 13.16 -9.30 3.66
CA ARG B 170 12.33 -8.92 4.81
C ARG B 170 13.15 -8.33 5.98
N ASN B 171 14.46 -8.62 6.04
CA ASN B 171 15.33 -8.13 7.13
C ASN B 171 16.11 -6.85 6.78
N VAL B 172 15.82 -6.26 5.60
CA VAL B 172 16.42 -5.02 5.11
C VAL B 172 15.31 -3.99 5.19
N LEU B 173 15.55 -2.85 5.83
CA LEU B 173 14.52 -1.82 5.93
C LEU B 173 14.83 -0.66 4.98
N VAL B 174 13.82 0.11 4.55
CA VAL B 174 13.97 1.19 3.58
C VAL B 174 13.55 2.52 4.22
N THR B 175 14.36 3.56 4.10
CA THR B 175 14.02 4.88 4.65
C THR B 175 13.19 5.66 3.60
N GLU B 176 12.69 6.85 3.98
CA GLU B 176 11.98 7.81 3.12
C GLU B 176 12.82 8.17 1.89
N ASP B 177 14.15 8.28 2.05
CA ASP B 177 15.10 8.61 0.98
C ASP B 177 15.63 7.39 0.24
N ASN B 178 14.98 6.23 0.43
CA ASN B 178 15.30 4.96 -0.23
C ASN B 178 16.69 4.47 0.05
N VAL B 179 17.13 4.61 1.32
CA VAL B 179 18.40 4.07 1.79
C VAL B 179 18.07 2.69 2.36
N MET B 180 18.84 1.66 1.98
CA MET B 180 18.67 0.29 2.48
C MET B 180 19.37 0.22 3.79
N LYS B 181 18.75 -0.40 4.80
CA LYS B 181 19.36 -0.52 6.12
C LYS B 181 19.09 -1.90 6.67
N ILE B 182 20.15 -2.70 6.77
CA ILE B 182 20.12 -4.01 7.37
C ILE B 182 19.65 -3.88 8.83
N ALA B 183 18.66 -4.68 9.20
CA ALA B 183 18.13 -4.70 10.56
C ALA B 183 18.42 -6.06 11.18
N ASP B 184 18.22 -6.14 12.50
CA ASP B 184 18.35 -7.34 13.33
C ASP B 184 19.67 -8.10 13.10
N PHE B 185 20.79 -7.36 13.26
CA PHE B 185 22.16 -7.86 13.20
C PHE B 185 22.65 -8.07 14.64
N GLY B 186 22.15 -7.22 15.54
CA GLY B 186 22.48 -7.24 16.97
C GLY B 186 21.87 -8.41 17.71
N LEU B 205 12.04 -21.49 10.15
CA LEU B 205 13.41 -21.47 9.65
C LEU B 205 13.45 -20.96 8.18
N PRO B 206 14.38 -20.03 7.84
CA PRO B 206 14.43 -19.52 6.46
C PRO B 206 15.36 -20.37 5.58
N VAL B 207 14.97 -21.64 5.42
CA VAL B 207 15.67 -22.68 4.70
C VAL B 207 16.04 -22.28 3.25
N LYS B 208 15.17 -21.51 2.56
CA LYS B 208 15.41 -21.08 1.19
C LYS B 208 16.55 -20.04 1.03
N TRP B 209 17.01 -19.44 2.14
CA TRP B 209 18.10 -18.42 2.15
C TRP B 209 19.42 -18.99 2.66
N MET B 210 19.36 -20.18 3.26
CA MET B 210 20.50 -20.81 3.91
C MET B 210 21.47 -21.54 2.98
N ALA B 211 22.78 -21.31 3.16
CA ALA B 211 23.84 -22.01 2.44
C ALA B 211 23.83 -23.51 2.79
N PRO B 212 24.33 -24.40 1.90
CA PRO B 212 24.35 -25.85 2.21
C PRO B 212 24.97 -26.20 3.55
N GLU B 213 26.14 -25.60 3.89
CA GLU B 213 26.84 -25.83 5.16
C GLU B 213 26.03 -25.37 6.38
N ALA B 214 25.13 -24.39 6.18
CA ALA B 214 24.26 -23.90 7.24
C ALA B 214 23.09 -24.87 7.41
N LEU B 215 22.44 -25.28 6.28
CA LEU B 215 21.32 -26.24 6.23
C LEU B 215 21.72 -27.57 6.84
N PHE B 216 22.82 -28.16 6.31
CA PHE B 216 23.23 -29.51 6.66
C PHE B 216 24.17 -29.59 7.90
N ASP B 217 25.22 -28.77 7.96
CA ASP B 217 26.19 -28.86 9.07
C ASP B 217 26.02 -27.79 10.17
N ARG B 218 24.97 -26.95 10.07
CA ARG B 218 24.67 -25.84 11.02
C ARG B 218 25.87 -24.89 11.22
N VAL B 219 26.72 -24.76 10.17
CA VAL B 219 27.90 -23.90 10.12
C VAL B 219 27.50 -22.56 9.47
N TYR B 220 27.65 -21.47 10.23
CA TYR B 220 27.33 -20.12 9.78
C TYR B 220 28.61 -19.30 9.81
N THR B 221 29.01 -18.82 8.64
CA THR B 221 30.22 -18.00 8.42
C THR B 221 29.85 -16.81 7.55
N HIS B 222 30.84 -15.92 7.25
CA HIS B 222 30.59 -14.79 6.36
C HIS B 222 30.27 -15.29 4.95
N GLN B 223 30.85 -16.43 4.55
CA GLN B 223 30.60 -16.99 3.21
C GLN B 223 29.19 -17.60 3.11
N SER B 224 28.60 -17.97 4.26
CA SER B 224 27.22 -18.46 4.29
C SER B 224 26.27 -17.28 4.10
N ASP B 225 26.66 -16.07 4.62
CA ASP B 225 25.89 -14.85 4.41
C ASP B 225 25.97 -14.43 2.95
N VAL B 226 27.09 -14.73 2.26
CA VAL B 226 27.23 -14.44 0.81
C VAL B 226 26.17 -15.23 -0.02
N TRP B 227 25.94 -16.51 0.35
CA TRP B 227 24.95 -17.35 -0.30
C TRP B 227 23.58 -16.69 -0.16
N SER B 228 23.20 -16.28 1.10
CA SER B 228 21.93 -15.60 1.38
C SER B 228 21.84 -14.31 0.60
N PHE B 229 22.98 -13.61 0.42
CA PHE B 229 22.99 -12.38 -0.37
C PHE B 229 22.57 -12.63 -1.82
N GLY B 230 23.04 -13.73 -2.40
CA GLY B 230 22.65 -14.15 -3.75
C GLY B 230 21.15 -14.40 -3.82
N ILE B 231 20.55 -15.01 -2.75
CA ILE B 231 19.10 -15.21 -2.70
C ILE B 231 18.39 -13.86 -2.66
N LEU B 232 18.89 -12.93 -1.80
CA LEU B 232 18.37 -11.56 -1.68
C LEU B 232 18.45 -10.80 -3.03
N LEU B 233 19.57 -10.96 -3.76
CA LEU B 233 19.76 -10.40 -5.10
C LEU B 233 18.62 -10.87 -6.03
N TRP B 234 18.31 -12.17 -6.01
CA TRP B 234 17.22 -12.77 -6.78
C TRP B 234 15.87 -12.16 -6.35
N GLU B 235 15.66 -11.95 -5.02
CA GLU B 235 14.42 -11.30 -4.51
C GLU B 235 14.30 -9.89 -5.07
N ILE B 236 15.42 -9.17 -5.12
CA ILE B 236 15.39 -7.80 -5.67
C ILE B 236 15.00 -7.81 -7.15
N PHE B 237 15.69 -8.64 -7.94
CA PHE B 237 15.46 -8.64 -9.37
C PHE B 237 14.16 -9.34 -9.80
N THR B 238 13.39 -9.93 -8.85
CA THR B 238 12.07 -10.48 -9.16
C THR B 238 11.01 -9.53 -8.56
N LEU B 239 11.44 -8.39 -7.97
CA LEU B 239 10.59 -7.40 -7.30
C LEU B 239 9.82 -8.01 -6.10
N GLY B 240 10.56 -8.73 -5.25
CA GLY B 240 10.01 -9.36 -4.07
C GLY B 240 9.41 -10.73 -4.32
N GLY B 241 9.97 -11.50 -5.24
CA GLY B 241 9.48 -12.85 -5.52
C GLY B 241 9.87 -13.82 -4.43
N SER B 242 9.11 -14.93 -4.28
CA SER B 242 9.37 -15.98 -3.30
C SER B 242 10.42 -16.96 -3.88
N PRO B 243 11.57 -17.18 -3.22
CA PRO B 243 12.61 -18.05 -3.81
C PRO B 243 12.14 -19.45 -4.16
N TYR B 244 12.81 -20.08 -5.16
CA TYR B 244 12.51 -21.44 -5.63
C TYR B 244 10.99 -21.61 -5.89
N PRO B 245 10.42 -20.81 -6.84
CA PRO B 245 8.97 -20.92 -7.08
C PRO B 245 8.55 -22.30 -7.57
N GLY B 246 7.51 -22.84 -6.91
CA GLY B 246 6.93 -24.14 -7.23
C GLY B 246 7.55 -25.33 -6.52
N ILE B 247 8.86 -25.24 -6.19
CA ILE B 247 9.60 -26.31 -5.54
C ILE B 247 9.13 -26.47 -4.09
N PRO B 248 8.64 -27.67 -3.70
CA PRO B 248 8.26 -27.87 -2.29
C PRO B 248 9.53 -27.99 -1.45
N VAL B 249 9.55 -27.35 -0.25
CA VAL B 249 10.69 -27.29 0.67
C VAL B 249 11.50 -28.61 0.73
N GLU B 250 10.84 -29.76 0.88
CA GLU B 250 11.47 -31.09 0.97
C GLU B 250 12.37 -31.43 -0.23
N GLU B 251 11.92 -31.08 -1.45
CA GLU B 251 12.63 -31.33 -2.69
C GLU B 251 13.88 -30.44 -2.88
N LEU B 252 13.95 -29.28 -2.20
CA LEU B 252 15.03 -28.30 -2.31
C LEU B 252 16.45 -28.84 -2.10
N PHE B 253 16.71 -29.42 -0.91
CA PHE B 253 18.03 -29.90 -0.46
C PHE B 253 18.72 -30.84 -1.44
N SER B 254 17.95 -31.78 -2.02
CA SER B 254 18.46 -32.71 -3.02
C SER B 254 18.80 -31.99 -4.32
N LEU B 255 17.93 -31.06 -4.74
CA LEU B 255 18.12 -30.26 -5.96
C LEU B 255 19.43 -29.46 -5.85
N LEU B 256 19.70 -28.83 -4.68
CA LEU B 256 20.95 -28.08 -4.45
C LEU B 256 22.18 -28.95 -4.49
N ARG B 257 22.11 -30.15 -3.87
CA ARG B 257 23.21 -31.12 -3.84
C ARG B 257 23.54 -31.61 -5.24
N GLU B 258 22.56 -31.59 -6.14
CA GLU B 258 22.72 -32.02 -7.53
C GLU B 258 23.14 -30.89 -8.48
N GLY B 259 23.46 -29.73 -7.92
CA GLY B 259 23.94 -28.57 -8.69
C GLY B 259 22.87 -27.67 -9.27
N HIS B 260 21.58 -27.95 -9.00
CA HIS B 260 20.51 -27.08 -9.52
C HIS B 260 20.42 -25.78 -8.74
N ARG B 261 20.13 -24.69 -9.47
CA ARG B 261 20.00 -23.33 -8.94
C ARG B 261 18.82 -22.69 -9.58
N MET B 262 18.35 -21.59 -9.00
CA MET B 262 17.24 -20.83 -9.58
C MET B 262 17.69 -20.29 -10.90
N ASP B 263 16.72 -20.14 -11.82
CA ASP B 263 16.96 -19.61 -13.15
C ASP B 263 17.05 -18.09 -13.10
N ARG B 264 17.63 -17.50 -14.17
CA ARG B 264 17.73 -16.07 -14.32
C ARG B 264 16.33 -15.45 -14.34
N PRO B 265 16.06 -14.50 -13.43
CA PRO B 265 14.75 -13.83 -13.43
C PRO B 265 14.48 -13.09 -14.75
N PRO B 266 13.20 -12.86 -15.12
CA PRO B 266 12.95 -12.07 -16.35
C PRO B 266 13.48 -10.65 -16.20
N HIS B 267 14.11 -10.12 -17.28
CA HIS B 267 14.70 -8.77 -17.39
C HIS B 267 15.99 -8.60 -16.56
N CYS B 268 16.48 -9.66 -15.90
CA CYS B 268 17.71 -9.59 -15.15
C CYS B 268 18.86 -9.77 -16.13
N PRO B 269 19.82 -8.82 -16.18
CA PRO B 269 20.95 -8.97 -17.11
C PRO B 269 21.86 -10.14 -16.73
N PRO B 270 22.59 -10.76 -17.69
CA PRO B 270 23.47 -11.89 -17.34
C PRO B 270 24.56 -11.56 -16.32
N GLU B 271 25.00 -10.30 -16.24
CA GLU B 271 26.02 -9.82 -15.30
C GLU B 271 25.53 -9.97 -13.85
N LEU B 272 24.25 -9.59 -13.59
CA LEU B 272 23.63 -9.68 -12.27
C LEU B 272 23.36 -11.15 -11.90
N TYR B 273 22.91 -11.96 -12.88
CA TYR B 273 22.66 -13.39 -12.69
C TYR B 273 23.98 -14.13 -12.42
N GLY B 274 25.05 -13.70 -13.10
CA GLY B 274 26.40 -14.22 -12.94
C GLY B 274 26.86 -14.05 -11.50
N LEU B 275 26.57 -12.87 -10.89
CA LEU B 275 26.87 -12.58 -9.49
C LEU B 275 26.07 -13.49 -8.56
N MET B 276 24.76 -13.70 -8.85
CA MET B 276 23.86 -14.58 -8.09
C MET B 276 24.41 -16.00 -8.11
N ARG B 277 24.81 -16.49 -9.30
CA ARG B 277 25.38 -17.83 -9.49
C ARG B 277 26.70 -18.05 -8.75
N GLU B 278 27.61 -17.04 -8.70
CA GLU B 278 28.87 -17.17 -7.93
C GLU B 278 28.58 -17.25 -6.42
N CYS B 279 27.56 -16.50 -5.95
CA CYS B 279 27.08 -16.54 -4.55
C CYS B 279 26.65 -17.94 -4.16
N TRP B 280 26.11 -18.70 -5.13
CA TRP B 280 25.57 -20.05 -4.91
C TRP B 280 26.54 -21.19 -5.25
N HIS B 281 27.85 -20.91 -5.26
CA HIS B 281 28.81 -21.98 -5.45
C HIS B 281 28.73 -22.84 -4.19
N ALA B 282 28.73 -24.17 -4.34
CA ALA B 282 28.66 -25.09 -3.20
C ALA B 282 29.84 -24.87 -2.24
N ALA B 283 31.05 -24.66 -2.78
CA ALA B 283 32.25 -24.42 -1.97
C ALA B 283 32.29 -22.97 -1.45
N PRO B 284 32.22 -22.77 -0.10
CA PRO B 284 32.25 -21.41 0.46
C PRO B 284 33.42 -20.52 0.00
N SER B 285 34.64 -21.10 -0.17
CA SER B 285 35.84 -20.41 -0.65
C SER B 285 35.73 -19.93 -2.10
N GLN B 286 34.84 -20.54 -2.89
N GLN B 286 34.83 -20.53 -2.88
CA GLN B 286 34.61 -20.19 -4.30
CA GLN B 286 34.64 -20.15 -4.29
C GLN B 286 33.57 -19.07 -4.46
C GLN B 286 33.55 -19.08 -4.46
N ARG B 287 32.84 -18.72 -3.40
CA ARG B 287 31.83 -17.65 -3.46
C ARG B 287 32.57 -16.31 -3.34
N PRO B 288 32.07 -15.18 -3.91
CA PRO B 288 32.81 -13.92 -3.73
C PRO B 288 32.74 -13.39 -2.29
N THR B 289 33.61 -12.43 -1.94
CA THR B 289 33.56 -11.81 -0.61
C THR B 289 32.59 -10.62 -0.74
N PHE B 290 32.10 -10.05 0.38
CA PHE B 290 31.25 -8.85 0.30
C PHE B 290 31.99 -7.69 -0.39
N LYS B 291 33.31 -7.57 -0.13
CA LYS B 291 34.17 -6.58 -0.79
C LYS B 291 34.09 -6.70 -2.33
N GLN B 292 34.19 -7.94 -2.89
CA GLN B 292 34.11 -8.13 -4.35
C GLN B 292 32.72 -7.83 -4.88
N LEU B 293 31.68 -8.19 -4.11
CA LEU B 293 30.27 -7.96 -4.45
C LEU B 293 29.98 -6.46 -4.54
N VAL B 294 30.49 -5.67 -3.57
CA VAL B 294 30.38 -4.21 -3.53
C VAL B 294 31.08 -3.63 -4.79
N GLU B 295 32.32 -4.08 -5.06
CA GLU B 295 33.08 -3.63 -6.26
C GLU B 295 32.36 -3.96 -7.56
N ALA B 296 31.82 -5.19 -7.69
CA ALA B 296 31.06 -5.61 -8.88
C ALA B 296 29.77 -4.82 -9.08
N LEU B 297 29.01 -4.61 -7.99
CA LEU B 297 27.75 -3.89 -8.05
C LEU B 297 27.98 -2.40 -8.29
N ASP B 298 29.07 -1.85 -7.72
CA ASP B 298 29.46 -0.44 -8.00
C ASP B 298 29.76 -0.25 -9.50
N LYS B 299 30.45 -1.22 -10.13
CA LYS B 299 30.73 -1.18 -11.59
C LYS B 299 29.45 -1.13 -12.42
N VAL B 300 28.41 -1.88 -12.00
CA VAL B 300 27.10 -1.91 -12.68
C VAL B 300 26.41 -0.57 -12.50
N LEU B 301 26.38 -0.04 -11.24
CA LEU B 301 25.75 1.24 -10.92
C LEU B 301 26.39 2.38 -11.74
N LEU B 302 27.73 2.36 -11.85
CA LEU B 302 28.51 3.37 -12.61
C LEU B 302 28.23 3.30 -14.13
N ALA B 303 28.20 2.06 -14.72
CA ALA B 303 27.93 1.83 -16.14
C ALA B 303 26.54 2.35 -16.58
N VAL B 304 25.55 2.30 -15.68
CA VAL B 304 24.19 2.81 -15.90
C VAL B 304 24.22 4.32 -16.19
N SER B 305 24.89 5.12 -15.32
CA SER B 305 25.01 6.57 -15.51
C SER B 305 26.14 6.96 -16.50
N GLU B 306 26.73 5.93 -17.17
CA GLU B 306 27.81 5.99 -18.18
C GLU B 306 29.10 6.62 -17.64
O FGF C . -28.24 0.78 -24.12
C FGF C . -29.06 0.52 -23.26
CA FGF C . -30.51 0.68 -23.66
N FGF C . -31.52 0.35 -22.63
CAT FGF C . -32.83 1.01 -22.91
CAP FGF C . -31.10 0.50 -21.20
CAO FGF C . -29.72 -0.17 -20.97
NAN FGF C . -28.71 0.15 -21.98
CAM FGF C . -27.28 0.05 -21.67
CAA FGF C . -26.70 1.26 -20.92
CAB FGF C . -27.30 2.54 -21.04
CAF FGF C . -25.60 1.15 -20.03
CAL FGF C . -24.82 -0.11 -19.68
OAV FGF C . -24.53 -0.87 -20.83
NAE FGF C . -25.15 2.26 -19.42
CAD FGF C . -25.70 3.50 -19.49
CAC FGF C . -26.81 3.66 -20.36
CAG FGF C . -27.52 5.01 -20.54
CAH FGF C . -26.59 6.17 -20.09
CAI FGF C . -25.91 5.86 -18.72
NAJ FGF C . -25.14 4.59 -18.72
CAK FGF C . -23.98 4.45 -17.97
OAX FGF C . -23.58 5.38 -17.27
NAW FGF C . -23.26 3.28 -17.93
CAY FGF C . -22.05 2.98 -17.28
CAZ FGF C . -21.06 3.96 -17.06
NBD FGF C . -21.80 1.68 -16.97
CBC FGF C . -20.64 1.27 -16.38
CBB FGF C . -19.63 2.22 -16.16
CBE FGF C . -18.39 1.81 -15.58
NBF FGF C . -17.38 1.51 -15.15
CBA FGF C . -19.83 3.57 -16.50
NBG FGF C . -18.85 4.47 -16.26
CBH FGF C . -19.14 5.86 -15.90
CBI FGF C . -18.17 6.76 -16.68
OBJ FGF C . -18.48 6.56 -18.08
CBK FGF C . -17.43 7.04 -18.94
S SO4 D . -27.60 23.30 -6.97
O1 SO4 D . -27.60 24.56 -6.23
O2 SO4 D . -28.22 23.50 -8.27
O3 SO4 D . -28.35 22.31 -6.20
O4 SO4 D . -26.22 22.86 -7.15
S SO4 E . -35.67 22.25 8.30
O1 SO4 E . -34.83 22.29 7.10
O2 SO4 E . -37.03 22.63 7.95
O3 SO4 E . -35.67 20.88 8.84
O4 SO4 E . -35.14 23.18 9.28
S SO4 F . -29.73 4.59 -23.78
O1 SO4 F . -30.73 4.20 -24.78
O2 SO4 F . -29.20 5.93 -24.10
O3 SO4 F . -28.62 3.67 -23.81
O4 SO4 F . -30.35 4.59 -22.45
O FGF G . 4.68 8.19 10.92
C FGF G . 5.32 8.67 9.99
CA FGF G . 4.56 9.58 9.05
N FGF G . 5.37 10.33 8.06
CAT FGF G . 4.51 10.85 6.98
CAP FGF G . 6.56 9.63 7.52
CAO FGF G . 7.40 8.97 8.64
NAN FGF G . 6.64 8.38 9.75
CAM FGF G . 7.32 7.49 10.69
CAA FGF G . 7.37 6.01 10.25
CAB FGF G . 6.35 5.45 9.45
CAF FGF G . 8.43 5.16 10.66
CAL FGF G . 9.70 5.51 11.42
OAV FGF G . 9.40 6.22 12.58
NAE FGF G . 8.41 3.89 10.26
CAD FGF G . 7.47 3.31 9.51
CAC FGF G . 6.38 4.10 9.08
CAG FGF G . 5.26 3.48 8.24
CAH FGF G . 5.24 1.95 8.43
CAI FGF G . 6.66 1.37 8.20
NAJ FGF G . 7.64 1.92 9.16
CAK FGF G . 8.66 1.13 9.67
OAX FGF G . 8.77 -0.03 9.28
NAW FGF G . 9.62 1.61 10.53
CAY FGF G . 10.67 0.94 11.20
CAZ FGF G . 10.62 -0.42 11.50
NBD FGF G . 11.68 1.73 11.66
CBC FGF G . 12.69 1.22 12.38
CBB FGF G . 12.71 -0.15 12.67
CBE FGF G . 13.80 -0.66 13.42
NBF FGF G . 14.67 -1.04 14.06
CBA FGF G . 11.67 -0.99 12.25
NBG FGF G . 11.72 -2.33 12.53
CBH FGF G . 11.14 -3.35 11.66
CBI FGF G . 10.08 -4.17 12.44
OBJ FGF G . 9.07 -3.22 12.85
CBK FGF G . 8.62 -3.49 14.19
S SO4 H . 8.32 5.71 -3.98
O1 SO4 H . 7.43 4.99 -4.89
O2 SO4 H . 8.45 7.10 -4.42
O3 SO4 H . 7.75 5.69 -2.63
O4 SO4 H . 9.64 5.08 -3.99
S SO4 I . 2.47 6.35 8.29
O1 SO4 I . 3.39 6.81 7.23
O2 SO4 I . 1.37 7.31 8.47
O3 SO4 I . 3.18 6.26 9.54
O4 SO4 I . 1.92 5.02 7.93
#